data_8A3J
#
_entry.id   8A3J
#
_cell.length_a   27.660
_cell.length_b   63.160
_cell.length_c   47.301
_cell.angle_alpha   90.000
_cell.angle_beta   91.680
_cell.angle_gamma   90.000
#
_symmetry.space_group_name_H-M   'P 1 21 1'
#
loop_
_entity.id
_entity.type
_entity.pdbx_description
1 polymer apCC-Tet*3-A
2 polymer apCC-Tet*3-B
3 water water
#
loop_
_entity_poly.entity_id
_entity_poly.type
_entity_poly.pdbx_seq_one_letter_code
_entity_poly.pdbx_strand_id
1 'polypeptide(L)' (ACE)GQLEEIAKQLEEIAWQLEEIAQG(NH2) A,C,E,G
2 'polypeptide(L)' (ACE)GQLKKIAKQLKKIAYQLKKIAQG(NH2) B,D,F,H
#
# COMPACT_ATOMS: atom_id res chain seq x y z
N GLY A 2 -23.33 -7.81 11.12
CA GLY A 2 -24.07 -6.82 10.38
C GLY A 2 -23.16 -5.94 9.53
N GLN A 3 -23.71 -4.93 8.85
CA GLN A 3 -22.89 -4.12 7.95
C GLN A 3 -21.75 -3.44 8.70
N LEU A 4 -22.00 -3.00 9.93
CA LEU A 4 -20.96 -2.32 10.69
C LEU A 4 -19.84 -3.29 11.10
N GLU A 5 -20.18 -4.50 11.50
CA GLU A 5 -19.15 -5.47 11.86
C GLU A 5 -18.32 -5.91 10.64
N GLU A 6 -18.95 -6.00 9.47
CA GLU A 6 -18.22 -6.37 8.26
C GLU A 6 -17.28 -5.25 7.81
N ILE A 7 -17.75 -4.00 7.85
CA ILE A 7 -16.86 -2.87 7.62
C ILE A 7 -15.71 -2.90 8.62
N ALA A 8 -16.02 -3.13 9.89
CA ALA A 8 -14.97 -3.25 10.91
C ALA A 8 -13.92 -4.30 10.53
N LYS A 9 -14.36 -5.48 10.08
CA LYS A 9 -13.41 -6.53 9.71
C LYS A 9 -12.54 -6.08 8.55
N GLN A 10 -13.13 -5.35 7.60
CA GLN A 10 -12.37 -4.85 6.46
C GLN A 10 -11.34 -3.80 6.88
N LEU A 11 -11.69 -2.94 7.83
CA LEU A 11 -10.70 -1.98 8.32
C LEU A 11 -9.60 -2.66 9.10
N GLU A 12 -9.90 -3.75 9.82
CA GLU A 12 -8.85 -4.51 10.47
C GLU A 12 -7.90 -5.11 9.44
N GLU A 13 -8.44 -5.73 8.40
CA GLU A 13 -7.57 -6.27 7.37
C GLU A 13 -6.69 -5.20 6.75
N ILE A 14 -7.25 -4.02 6.52
CA ILE A 14 -6.42 -2.92 6.01
C ILE A 14 -5.36 -2.53 7.03
N ALA A 15 -5.69 -2.57 8.32
CA ALA A 15 -4.66 -2.24 9.31
C ALA A 15 -3.55 -3.30 9.34
N TRP A 16 -3.87 -4.56 9.01
CA TRP A 16 -2.82 -5.60 8.99
C TRP A 16 -1.93 -5.48 7.76
N GLN A 17 -2.51 -5.11 6.61
CA GLN A 17 -1.71 -4.68 5.45
C GLN A 17 -0.77 -3.54 5.84
N LEU A 18 -1.30 -2.53 6.50
CA LEU A 18 -0.47 -1.40 6.83
C LEU A 18 0.64 -1.81 7.77
N GLU A 19 0.39 -2.75 8.67
CA GLU A 19 1.42 -3.25 9.63
C GLU A 19 2.54 -4.00 8.91
N GLU A 20 2.21 -4.81 7.92
CA GLU A 20 3.21 -5.58 7.13
C GLU A 20 4.11 -4.62 6.34
N ILE A 21 3.55 -3.53 5.82
CA ILE A 21 4.33 -2.53 5.05
C ILE A 21 5.22 -1.75 6.01
N ALA A 22 4.71 -1.46 7.19
CA ALA A 22 5.48 -0.62 8.14
C ALA A 22 6.67 -1.36 8.74
N GLN A 23 6.61 -2.68 8.78
CA GLN A 23 7.74 -3.29 9.52
C GLN A 23 8.68 -4.06 8.59
N GLY A 24 8.19 -4.96 7.77
CA GLY A 24 9.19 -5.63 6.94
C GLY A 24 8.69 -5.89 5.56
N GLY B 2 6.58 4.42 11.46
CA GLY B 2 5.89 5.05 12.56
C GLY B 2 4.49 5.56 12.27
N GLN B 3 4.30 6.25 11.14
CA GLN B 3 3.00 6.82 10.86
C GLN B 3 2.01 5.77 10.38
N LEU B 4 2.47 4.84 9.53
CA LEU B 4 1.58 3.77 9.10
C LEU B 4 1.16 2.89 10.28
N LYS B 5 2.06 2.69 11.24
CA LYS B 5 1.71 1.91 12.44
C LYS B 5 0.70 2.67 13.31
N LYS B 6 0.90 3.98 13.52
CA LYS B 6 -0.11 4.75 14.22
C LYS B 6 -1.46 4.71 13.49
N ILE B 7 -1.43 4.73 12.15
CA ILE B 7 -2.68 4.63 11.41
C ILE B 7 -3.33 3.27 11.60
N ALA B 8 -2.56 2.19 11.55
CA ALA B 8 -3.15 0.88 11.74
C ALA B 8 -3.75 0.74 13.13
N LYS B 9 -3.11 1.36 14.13
CA LYS B 9 -3.70 1.33 15.47
C LYS B 9 -5.01 2.13 15.52
N GLN B 10 -5.06 3.26 14.82
CA GLN B 10 -6.31 4.02 14.71
C GLN B 10 -7.37 3.19 14.02
N LEU B 11 -6.98 2.47 12.98
CA LEU B 11 -7.97 1.71 12.22
C LEU B 11 -8.55 0.62 13.06
N LYS B 12 -7.72 0.02 13.92
CA LYS B 12 -8.18 -1.04 14.81
C LYS B 12 -9.08 -0.49 15.90
N LYS B 13 -8.73 0.67 16.48
CA LYS B 13 -9.67 1.32 17.40
C LYS B 13 -11.00 1.63 16.71
N ILE B 14 -10.95 2.12 15.47
CA ILE B 14 -12.19 2.44 14.77
C ILE B 14 -13.02 1.19 14.52
N ALA B 15 -12.35 0.08 14.15
CA ALA B 15 -13.11 -1.14 13.93
C ALA B 15 -13.72 -1.64 15.23
N TYR B 16 -13.06 -1.44 16.35
CA TYR B 16 -13.69 -1.81 17.65
C TYR B 16 -14.92 -0.96 17.90
N GLN B 17 -14.84 0.33 17.59
CA GLN B 17 -15.94 1.28 17.84
C GLN B 17 -17.16 0.94 16.98
N LEU B 18 -16.94 0.56 15.72
CA LEU B 18 -18.04 0.14 14.84
C LEU B 18 -18.68 -1.12 15.42
N LYS B 19 -17.86 -2.09 15.83
CA LYS B 19 -18.34 -3.37 16.40
C LYS B 19 -19.11 -3.13 17.70
N LYS B 20 -18.76 -2.08 18.45
CA LYS B 20 -19.46 -1.75 19.70
C LYS B 20 -20.78 -1.00 19.43
N ILE B 21 -20.82 -0.05 18.49
CA ILE B 21 -22.09 0.61 18.12
C ILE B 21 -23.06 -0.53 17.89
N ALA B 22 -22.62 -1.45 17.05
CA ALA B 22 -23.44 -2.64 16.75
C ALA B 22 -23.79 -3.38 18.04
N GLN B 23 -22.82 -3.52 18.96
CA GLN B 23 -23.02 -4.33 20.19
C GLN B 23 -23.05 -3.46 21.43
N GLY B 24 -24.23 -3.12 21.94
CA GLY B 24 -24.29 -2.37 23.20
C GLY B 24 -24.12 -0.90 22.94
N GLY C 2 -24.03 11.71 13.59
CA GLY C 2 -23.34 11.33 14.81
C GLY C 2 -22.06 10.52 14.76
N GLN C 3 -22.05 9.46 15.56
CA GLN C 3 -20.83 8.69 15.78
C GLN C 3 -20.33 8.04 14.50
N LEU C 4 -21.25 7.49 13.70
CA LEU C 4 -20.84 6.92 12.42
C LEU C 4 -20.24 7.99 11.52
N GLU C 5 -20.79 9.20 11.55
CA GLU C 5 -20.25 10.25 10.70
C GLU C 5 -18.89 10.72 11.21
N GLU C 6 -18.72 10.85 12.54
CA GLU C 6 -17.41 11.15 13.09
C GLU C 6 -16.39 10.12 12.63
N ILE C 7 -16.77 8.85 12.69
CA ILE C 7 -15.85 7.79 12.29
C ILE C 7 -15.53 7.91 10.80
N ALA C 8 -16.54 8.21 9.98
CA ALA C 8 -16.31 8.40 8.55
C ALA C 8 -15.31 9.53 8.32
N LYS C 9 -15.40 10.62 9.08
CA LYS C 9 -14.42 11.69 8.94
C LYS C 9 -13.04 11.23 9.36
N GLN C 10 -12.95 10.43 10.43
CA GLN C 10 -11.66 9.86 10.83
C GLN C 10 -11.05 9.06 9.70
N LEU C 11 -11.88 8.26 9.02
CA LEU C 11 -11.41 7.43 7.91
C LEU C 11 -10.94 8.28 6.73
N GLU C 12 -11.72 9.32 6.38
CA GLU C 12 -11.32 10.24 5.34
C GLU C 12 -9.97 10.85 5.64
N GLU C 13 -9.79 11.33 6.87
CA GLU C 13 -8.53 12.00 7.28
C GLU C 13 -7.37 10.99 7.22
N ILE C 14 -7.59 9.75 7.63
CA ILE C 14 -6.56 8.74 7.45
C ILE C 14 -6.27 8.51 5.95
N ALA C 15 -7.33 8.46 5.12
CA ALA C 15 -7.12 8.31 3.69
C ALA C 15 -6.27 9.44 3.14
N TRP C 16 -6.52 10.66 3.60
CA TRP C 16 -5.78 11.82 3.11
C TRP C 16 -4.33 11.77 3.57
N GLN C 17 -4.09 11.38 4.83
CA GLN C 17 -2.71 11.20 5.27
C GLN C 17 -2.02 10.10 4.47
N LEU C 18 -2.73 9.02 4.14
CA LEU C 18 -2.14 7.96 3.34
C LEU C 18 -1.81 8.44 1.94
N GLU C 19 -2.68 9.25 1.33
CA GLU C 19 -2.38 9.84 0.04
C GLU C 19 -1.15 10.72 0.13
N GLU C 20 -1.03 11.49 1.22
CA GLU C 20 0.16 12.33 1.41
C GLU C 20 1.42 11.48 1.54
N ILE C 21 1.35 10.44 2.38
CA ILE C 21 2.47 9.50 2.54
C ILE C 21 2.90 8.98 1.18
N ALA C 22 1.98 8.32 0.48
CA ALA C 22 2.34 7.70 -0.79
C ALA C 22 2.86 8.72 -1.79
N GLN C 23 2.37 9.97 -1.72
CA GLN C 23 2.80 11.02 -2.65
C GLN C 23 4.13 11.63 -2.27
N GLY C 24 4.74 11.19 -1.17
CA GLY C 24 6.07 11.63 -0.82
C GLY C 24 6.15 12.60 0.34
N GLY D 2 2.97 -0.13 -3.82
CA GLY D 2 1.99 0.77 -4.39
C GLY D 2 0.63 0.59 -3.76
N GLN D 3 0.61 0.08 -2.53
CA GLN D 3 -0.65 -0.30 -1.91
C GLN D 3 -1.40 0.88 -1.31
N LEU D 4 -0.70 1.93 -0.90
CA LEU D 4 -1.28 2.94 -0.02
C LEU D 4 -2.36 3.75 -0.71
N LYS D 5 -2.18 4.10 -1.97
CA LYS D 5 -3.22 4.87 -2.67
C LYS D 5 -4.49 4.02 -2.82
N LYS D 6 -4.32 2.74 -3.16
CA LYS D 6 -5.48 1.87 -3.30
C LYS D 6 -6.17 1.66 -1.96
N ILE D 7 -5.41 1.66 -0.86
CA ILE D 7 -6.02 1.61 0.47
C ILE D 7 -6.79 2.90 0.76
N ALA D 8 -6.20 4.06 0.44
CA ALA D 8 -6.87 5.33 0.73
C ALA D 8 -8.19 5.45 -0.03
N LYS D 9 -8.21 4.99 -1.28
CA LYS D 9 -9.48 5.01 -2.01
C LYS D 9 -10.49 4.06 -1.38
N GLN D 10 -10.05 2.87 -0.97
CA GLN D 10 -10.97 1.96 -0.31
C GLN D 10 -11.53 2.57 0.98
N LEU D 11 -10.69 3.32 1.71
CA LEU D 11 -11.15 3.96 2.94
C LEU D 11 -12.13 5.07 2.65
N LYS D 12 -11.94 5.78 1.54
CA LYS D 12 -12.90 6.81 1.20
C LYS D 12 -14.26 6.20 0.88
N LYS D 13 -14.27 5.11 0.11
CA LYS D 13 -15.53 4.45 -0.21
C LYS D 13 -16.23 3.94 1.04
N ILE D 14 -15.48 3.31 1.96
CA ILE D 14 -16.07 2.88 3.22
C ILE D 14 -16.66 4.07 3.97
N ALA D 15 -15.89 5.14 4.08
CA ALA D 15 -16.36 6.28 4.87
C ALA D 15 -17.64 6.87 4.27
N TYR D 16 -17.75 6.87 2.95
CA TYR D 16 -18.97 7.36 2.31
C TYR D 16 -20.16 6.44 2.59
N GLN D 17 -19.91 5.12 2.58
CA GLN D 17 -20.99 4.19 2.93
C GLN D 17 -21.42 4.38 4.39
N LEU D 18 -20.47 4.57 5.31
CA LEU D 18 -20.81 4.86 6.70
C LEU D 18 -21.65 6.12 6.82
N LYS D 19 -21.32 7.14 6.04
CA LYS D 19 -22.08 8.40 6.06
C LYS D 19 -23.51 8.17 5.56
N LYS D 20 -23.66 7.36 4.50
CA LYS D 20 -24.98 7.01 4.03
C LYS D 20 -25.77 6.26 5.09
N ILE D 21 -25.14 5.28 5.74
CA ILE D 21 -25.81 4.58 6.83
C ILE D 21 -26.24 5.55 7.93
N ALA D 22 -25.36 6.50 8.29
CA ALA D 22 -25.67 7.46 9.35
C ALA D 22 -26.83 8.36 8.96
N GLN D 23 -27.06 8.56 7.67
CA GLN D 23 -28.25 9.27 7.29
C GLN D 23 -29.45 8.40 7.63
N GLN E 3 -0.33 -14.76 -11.75
CA GLN E 3 0.38 -14.19 -10.60
C GLN E 3 1.48 -13.22 -11.01
N LEU E 4 2.15 -13.54 -12.11
CA LEU E 4 3.13 -12.62 -12.65
C LEU E 4 2.46 -11.31 -13.06
N GLU E 5 1.25 -11.39 -13.60
CA GLU E 5 0.50 -10.19 -13.97
C GLU E 5 0.24 -9.31 -12.75
N GLU E 6 -0.25 -9.92 -11.67
CA GLU E 6 -0.48 -9.15 -10.45
C GLU E 6 0.82 -8.48 -9.98
N ILE E 7 1.92 -9.25 -9.96
CA ILE E 7 3.21 -8.70 -9.55
C ILE E 7 3.63 -7.54 -10.44
N ALA E 8 3.38 -7.67 -11.75
CA ALA E 8 3.78 -6.63 -12.68
C ALA E 8 2.94 -5.38 -12.48
N LYS E 9 1.66 -5.56 -12.17
CA LYS E 9 0.83 -4.40 -11.85
C LYS E 9 1.27 -3.73 -10.56
N GLN E 10 1.75 -4.50 -9.57
CA GLN E 10 2.22 -3.84 -8.36
C GLN E 10 3.55 -3.12 -8.61
N LEU E 11 4.42 -3.70 -9.44
CA LEU E 11 5.64 -3.00 -9.86
C LEU E 11 5.31 -1.68 -10.55
N GLU E 12 4.32 -1.72 -11.45
CA GLU E 12 3.89 -0.50 -12.15
C GLU E 12 3.35 0.53 -11.18
N GLU E 13 2.53 0.10 -10.22
CA GLU E 13 2.00 1.04 -9.24
C GLU E 13 3.12 1.63 -8.39
N ILE E 14 4.16 0.85 -8.12
CA ILE E 14 5.32 1.37 -7.42
C ILE E 14 6.00 2.43 -8.26
N ALA E 15 6.09 2.20 -9.58
CA ALA E 15 6.75 3.17 -10.44
C ALA E 15 5.97 4.49 -10.50
N TRP E 16 4.63 4.40 -10.59
CA TRP E 16 3.81 5.60 -10.55
C TRP E 16 4.00 6.35 -9.23
N GLN E 17 4.06 5.62 -8.12
CA GLN E 17 4.31 6.25 -6.82
C GLN E 17 5.67 6.93 -6.81
N LEU E 18 6.71 6.23 -7.27
CA LEU E 18 8.04 6.82 -7.30
C LEU E 18 8.07 8.10 -8.11
N GLU E 19 7.37 8.11 -9.26
CA GLU E 19 7.31 9.32 -10.08
C GLU E 19 6.58 10.44 -9.35
N GLU E 20 5.47 10.12 -8.67
CA GLU E 20 4.80 11.13 -7.86
C GLU E 20 5.72 11.67 -6.78
N ILE E 21 6.55 10.80 -6.19
CA ILE E 21 7.43 11.23 -5.11
C ILE E 21 8.54 12.10 -5.66
N ALA E 22 9.05 11.77 -6.84
CA ALA E 22 10.12 12.55 -7.42
C ALA E 22 9.63 13.96 -7.78
N GLN E 23 8.54 14.05 -8.52
CA GLN E 23 8.11 15.37 -8.97
C GLN E 23 6.70 15.68 -8.51
N GLY F 2 14.63 12.32 -9.11
CA GLY F 2 15.79 12.48 -9.97
C GLY F 2 16.38 11.12 -10.32
N GLN F 3 17.10 10.54 -9.37
CA GLN F 3 17.40 9.12 -9.53
C GLN F 3 16.15 8.28 -9.30
N LEU F 4 15.16 8.82 -8.59
CA LEU F 4 13.90 8.09 -8.45
C LEU F 4 13.17 8.00 -9.78
N LYS F 5 13.30 9.03 -10.63
CA LYS F 5 12.73 8.96 -11.97
C LYS F 5 13.42 7.87 -12.80
N LYS F 6 14.74 7.77 -12.69
CA LYS F 6 15.44 6.66 -13.31
C LYS F 6 14.92 5.32 -12.82
N ILE F 7 14.83 5.16 -11.51
CA ILE F 7 14.44 3.86 -10.94
C ILE F 7 13.03 3.49 -11.38
N ALA F 8 12.12 4.47 -11.40
CA ALA F 8 10.76 4.19 -11.80
C ALA F 8 10.68 3.85 -13.29
N LYS F 9 11.51 4.47 -14.12
CA LYS F 9 11.51 4.09 -15.51
C LYS F 9 11.97 2.65 -15.65
N GLN F 10 12.96 2.26 -14.84
CA GLN F 10 13.41 0.87 -14.85
C GLN F 10 12.30 -0.08 -14.41
N LEU F 11 11.62 0.24 -13.32
CA LEU F 11 10.53 -0.60 -12.85
C LEU F 11 9.40 -0.69 -13.87
N LYS F 12 9.12 0.39 -14.61
CA LYS F 12 8.12 0.28 -15.67
C LYS F 12 8.59 -0.68 -16.75
N LYS F 13 9.88 -0.65 -17.06
CA LYS F 13 10.42 -1.58 -18.06
C LYS F 13 10.32 -3.04 -17.57
N ILE F 14 10.69 -3.28 -16.30
CA ILE F 14 10.60 -4.62 -15.73
C ILE F 14 9.15 -5.09 -15.70
N ALA F 15 8.22 -4.20 -15.32
CA ALA F 15 6.84 -4.63 -15.23
C ALA F 15 6.26 -4.93 -16.60
N TYR F 16 6.72 -4.21 -17.63
CA TYR F 16 6.36 -4.57 -18.99
C TYR F 16 6.90 -5.93 -19.36
N GLN F 17 8.16 -6.20 -19.02
CA GLN F 17 8.71 -7.52 -19.28
C GLN F 17 7.82 -8.60 -18.68
N LEU F 18 7.47 -8.42 -17.40
CA LEU F 18 6.65 -9.41 -16.69
C LEU F 18 5.28 -9.57 -17.36
N LYS F 19 4.59 -8.45 -17.62
CA LYS F 19 3.33 -8.52 -18.35
C LYS F 19 3.48 -9.23 -19.69
N LYS F 20 4.64 -9.09 -20.32
CA LYS F 20 4.88 -9.80 -21.58
C LYS F 20 5.06 -11.30 -21.33
N ILE F 21 5.59 -11.68 -20.18
CA ILE F 21 5.49 -13.08 -19.77
C ILE F 21 4.05 -13.45 -19.43
N ALA F 22 3.34 -12.57 -18.72
CA ALA F 22 1.96 -12.89 -18.35
C ALA F 22 1.04 -13.12 -19.54
N GLN F 23 1.44 -12.76 -20.76
CA GLN F 23 0.66 -13.14 -21.93
C GLN F 23 1.35 -14.28 -22.66
N GLN G 3 15.75 -15.93 -16.18
CA GLN G 3 15.21 -14.68 -16.68
C GLN G 3 14.39 -13.99 -15.62
N LEU G 4 13.41 -14.73 -15.07
CA LEU G 4 12.71 -14.24 -13.91
C LEU G 4 13.67 -13.99 -12.77
N GLU G 5 14.73 -14.81 -12.68
CA GLU G 5 15.78 -14.58 -11.69
C GLU G 5 16.54 -13.30 -11.98
N GLU G 6 16.84 -13.02 -13.25
CA GLU G 6 17.52 -11.77 -13.59
C GLU G 6 16.67 -10.57 -13.24
N ILE G 7 15.37 -10.65 -13.55
CA ILE G 7 14.42 -9.58 -13.20
C ILE G 7 14.37 -9.40 -11.69
N ALA G 8 14.39 -10.49 -10.92
CA ALA G 8 14.36 -10.37 -9.48
C ALA G 8 15.63 -9.72 -8.95
N LYS G 9 16.80 -10.13 -9.48
CA LYS G 9 18.06 -9.49 -9.06
C LYS G 9 18.05 -8.01 -9.39
N GLN G 10 17.46 -7.64 -10.53
CA GLN G 10 17.25 -6.23 -10.85
C GLN G 10 16.41 -5.52 -9.79
N LEU G 11 15.31 -6.15 -9.38
CA LEU G 11 14.46 -5.55 -8.35
C LEU G 11 15.23 -5.36 -7.05
N GLU G 12 16.02 -6.36 -6.66
CA GLU G 12 16.85 -6.25 -5.46
C GLU G 12 17.85 -5.11 -5.56
N GLU G 13 18.50 -4.98 -6.71
CA GLU G 13 19.47 -3.92 -6.88
C GLU G 13 18.79 -2.57 -6.76
N ILE G 14 17.61 -2.43 -7.35
CA ILE G 14 16.84 -1.20 -7.20
C ILE G 14 16.49 -0.97 -5.72
N ALA G 15 16.03 -2.02 -5.03
CA ALA G 15 15.68 -1.88 -3.62
C ALA G 15 16.86 -1.36 -2.82
N TRP G 16 18.06 -1.88 -3.10
CA TRP G 16 19.22 -1.43 -2.36
C TRP G 16 19.59 0.01 -2.73
N GLN G 17 19.52 0.36 -4.01
CA GLN G 17 19.68 1.77 -4.35
C GLN G 17 18.69 2.63 -3.57
N LEU G 18 17.45 2.17 -3.46
CA LEU G 18 16.43 2.95 -2.77
C LEU G 18 16.78 3.15 -1.31
N GLU G 19 17.19 2.06 -0.66
CA GLU G 19 17.52 2.16 0.76
C GLU G 19 18.69 3.09 0.97
N GLU G 20 19.70 3.04 0.08
CA GLU G 20 20.83 3.96 0.16
C GLU G 20 20.39 5.40 -0.08
N ILE G 21 19.40 5.61 -0.94
CA ILE G 21 18.87 6.96 -1.16
C ILE G 21 18.28 7.48 0.13
N ALA G 22 17.45 6.65 0.78
CA ALA G 22 16.78 7.06 2.01
C ALA G 22 17.79 7.38 3.10
N GLN G 23 18.69 6.45 3.39
CA GLN G 23 19.73 6.71 4.40
C GLN G 23 20.55 7.95 4.10
N GLY G 24 20.52 8.43 2.85
CA GLY G 24 21.44 9.45 2.39
C GLY G 24 20.93 10.86 2.54
N GLY H 2 12.35 6.37 5.89
CA GLY H 2 11.11 6.89 5.33
C GLY H 2 10.33 5.96 4.38
N GLN H 3 9.59 6.55 3.44
CA GLN H 3 8.73 5.76 2.54
C GLN H 3 9.54 4.93 1.57
N LEU H 4 10.67 5.46 1.13
CA LEU H 4 11.44 4.76 0.12
C LEU H 4 12.01 3.47 0.68
N LYS H 5 12.34 3.43 1.96
CA LYS H 5 12.74 2.17 2.58
C LYS H 5 11.58 1.18 2.60
N LYS H 6 10.35 1.65 2.84
CA LYS H 6 9.20 0.73 2.82
C LYS H 6 8.98 0.18 1.42
N ILE H 7 9.04 1.06 0.42
CA ILE H 7 8.96 0.64 -0.97
C ILE H 7 10.04 -0.37 -1.28
N ALA H 8 11.25 -0.15 -0.76
CA ALA H 8 12.35 -1.06 -1.05
C ALA H 8 12.15 -2.41 -0.40
N LYS H 9 11.60 -2.44 0.82
CA LYS H 9 11.27 -3.72 1.45
C LYS H 9 10.24 -4.48 0.61
N GLN H 10 9.25 -3.75 0.10
CA GLN H 10 8.26 -4.36 -0.79
C GLN H 10 8.91 -4.89 -2.06
N LEU H 11 9.87 -4.17 -2.61
CA LEU H 11 10.53 -4.68 -3.81
C LEU H 11 11.33 -5.94 -3.51
N LYS H 12 11.98 -5.99 -2.33
CA LYS H 12 12.69 -7.23 -1.98
C LYS H 12 11.72 -8.39 -1.83
N LYS H 13 10.55 -8.14 -1.24
CA LYS H 13 9.56 -9.21 -1.10
C LYS H 13 9.08 -9.71 -2.46
N ILE H 14 8.81 -8.78 -3.38
CA ILE H 14 8.45 -9.18 -4.74
C ILE H 14 9.59 -9.97 -5.39
N ALA H 15 10.84 -9.54 -5.19
CA ALA H 15 11.95 -10.19 -5.87
C ALA H 15 12.14 -11.61 -5.35
N TYR H 16 11.92 -11.83 -4.06
CA TYR H 16 11.96 -13.21 -3.58
C TYR H 16 10.82 -14.01 -4.15
N GLN H 17 9.61 -13.44 -4.22
CA GLN H 17 8.53 -14.19 -4.83
C GLN H 17 8.89 -14.57 -6.26
N LEU H 18 9.58 -13.68 -6.97
CA LEU H 18 9.91 -13.95 -8.37
C LEU H 18 10.96 -15.05 -8.45
N LYS H 19 11.92 -15.06 -7.54
CA LYS H 19 12.94 -16.11 -7.57
C LYS H 19 12.35 -17.47 -7.23
N LYS H 20 11.45 -17.52 -6.25
CA LYS H 20 10.80 -18.78 -5.92
C LYS H 20 9.93 -19.27 -7.07
N ILE H 21 9.28 -18.34 -7.78
CA ILE H 21 8.56 -18.76 -8.98
C ILE H 21 9.53 -19.33 -9.99
N ALA H 22 10.74 -18.73 -10.09
CA ALA H 22 11.75 -19.18 -11.05
C ALA H 22 12.29 -20.57 -10.72
N GLN H 23 12.30 -20.97 -9.45
CA GLN H 23 12.65 -22.35 -9.10
C GLN H 23 11.41 -23.18 -8.81
#